data_4HWD
#
_entry.id   4HWD
#
_cell.length_a   26.136
_cell.length_b   60.452
_cell.length_c   177.034
_cell.angle_alpha   90.00
_cell.angle_beta   90.00
_cell.angle_gamma   90.00
#
_symmetry.space_group_name_H-M   'P 21 21 21'
#
loop_
_entity.id
_entity.type
_entity.pdbx_description
1 polymer 'BAG family molecular chaperone regulator 2'
2 water water
#
_entity_poly.entity_id   1
_entity_poly.type   'polypeptide(L)'
_entity_poly.pdbx_seq_one_letter_code
;GPGSSSKAISDISFQVERLAGQLSAFDTVIGKGGKVEEKNLENLMEMLMNQLVKLDAISGDGDVKLKKKMQEERLHKYVE
ALDLLKIKNS
;
_entity_poly.pdbx_strand_id   D,A,B
#
# COMPACT_ATOMS: atom_id res chain seq x y z
N GLY A 1 10.50 -4.92 -20.71
CA GLY A 1 11.94 -4.50 -20.70
C GLY A 1 12.21 -3.25 -19.90
N PRO A 2 13.43 -2.69 -19.99
CA PRO A 2 13.89 -1.48 -19.29
C PRO A 2 12.90 -0.31 -19.34
N GLY A 3 12.64 0.21 -20.54
CA GLY A 3 11.72 1.32 -20.69
C GLY A 3 10.38 1.02 -20.05
N SER A 4 9.92 -0.21 -20.22
CA SER A 4 8.65 -0.66 -19.66
C SER A 4 8.73 -0.66 -18.12
N SER A 5 9.91 -0.90 -17.59
CA SER A 5 10.12 -0.92 -16.14
C SER A 5 10.18 0.51 -15.60
N SER A 6 10.96 1.36 -16.25
CA SER A 6 11.09 2.75 -15.82
C SER A 6 9.69 3.36 -15.82
N LYS A 7 8.89 2.95 -16.79
CA LYS A 7 7.52 3.42 -16.95
C LYS A 7 6.60 3.01 -15.80
N ALA A 8 6.64 1.73 -15.46
CA ALA A 8 5.81 1.20 -14.38
C ALA A 8 6.10 1.90 -13.06
N ILE A 9 7.38 2.13 -12.78
CA ILE A 9 7.80 2.79 -11.56
C ILE A 9 7.34 4.25 -11.55
N SER A 10 7.39 4.86 -12.72
CA SER A 10 6.98 6.25 -12.86
C SER A 10 5.48 6.39 -12.58
N ASP A 11 4.67 5.47 -13.13
CA ASP A 11 3.23 5.53 -12.90
C ASP A 11 2.94 5.39 -11.40
N ILE A 12 3.67 4.49 -10.74
CA ILE A 12 3.49 4.25 -9.32
C ILE A 12 3.89 5.46 -8.47
N SER A 13 5.00 6.09 -8.83
CA SER A 13 5.50 7.25 -8.12
C SER A 13 4.46 8.34 -8.16
N PHE A 14 3.83 8.47 -9.32
CA PHE A 14 2.78 9.46 -9.53
C PHE A 14 1.59 9.18 -8.62
N GLN A 15 1.18 7.91 -8.53
CA GLN A 15 0.03 7.54 -7.69
C GLN A 15 0.40 7.64 -6.21
N VAL A 16 1.64 7.27 -5.89
CA VAL A 16 2.12 7.33 -4.52
C VAL A 16 2.10 8.75 -3.96
N GLU A 17 2.47 9.76 -4.76
CA GLU A 17 2.44 11.12 -4.25
C GLU A 17 1.03 11.64 -4.11
N ARG A 18 0.11 11.06 -4.88
CA ARG A 18 -1.29 11.46 -4.77
C ARG A 18 -1.80 10.84 -3.46
N LEU A 19 -1.30 9.65 -3.13
CA LEU A 19 -1.68 8.97 -1.89
C LEU A 19 -1.14 9.72 -0.68
N ALA A 20 0.08 10.25 -0.81
CA ALA A 20 0.72 11.02 0.25
C ALA A 20 -0.03 12.31 0.48
N GLY A 21 -0.72 12.77 -0.55
CA GLY A 21 -1.48 13.99 -0.46
C GLY A 21 -2.69 13.72 0.41
N GLN A 22 -3.31 12.57 0.24
CA GLN A 22 -4.48 12.23 1.05
C GLN A 22 -4.05 11.97 2.49
N LEU A 23 -2.89 11.35 2.68
CA LEU A 23 -2.38 11.09 4.02
C LEU A 23 -2.08 12.42 4.73
N SER A 24 -1.51 13.37 4.00
CA SER A 24 -1.18 14.68 4.56
C SER A 24 -2.45 15.38 5.03
N ALA A 25 -3.54 15.21 4.28
CA ALA A 25 -4.82 15.80 4.65
C ALA A 25 -5.34 15.16 5.94
N PHE A 26 -5.26 13.83 6.02
CA PHE A 26 -5.70 13.12 7.22
C PHE A 26 -4.82 13.51 8.39
N ASP A 27 -3.52 13.63 8.14
CA ASP A 27 -2.58 14.02 9.18
C ASP A 27 -2.94 15.37 9.78
N THR A 28 -3.22 16.36 8.93
CA THR A 28 -3.57 17.69 9.44
C THR A 28 -4.90 17.68 10.19
N VAL A 29 -5.90 16.99 9.63
CA VAL A 29 -7.20 16.90 10.29
C VAL A 29 -7.07 16.29 11.68
N ILE A 30 -6.43 15.13 11.75
CA ILE A 30 -6.25 14.44 13.03
C ILE A 30 -5.33 15.25 13.95
N GLY A 31 -4.31 15.87 13.37
CA GLY A 31 -3.36 16.64 14.15
C GLY A 31 -3.98 17.88 14.80
N LYS A 32 -5.05 18.41 14.21
CA LYS A 32 -5.71 19.58 14.75
C LYS A 32 -6.95 19.27 15.57
N GLY A 33 -6.98 18.08 16.16
CA GLY A 33 -8.12 17.69 16.99
C GLY A 33 -9.34 17.15 16.27
N GLY A 34 -9.38 17.31 14.95
CA GLY A 34 -10.51 16.82 14.18
C GLY A 34 -10.58 15.31 14.13
N LYS A 35 -11.63 14.78 13.51
CA LYS A 35 -11.80 13.34 13.40
C LYS A 35 -11.90 12.89 11.95
N VAL A 36 -11.39 11.69 11.68
CA VAL A 36 -11.41 11.09 10.35
C VAL A 36 -12.04 9.71 10.46
N GLU A 37 -12.89 9.37 9.50
CA GLU A 37 -13.55 8.08 9.51
C GLU A 37 -12.50 6.97 9.49
N GLU A 38 -12.63 6.00 10.39
CA GLU A 38 -11.67 4.91 10.46
C GLU A 38 -11.54 4.14 9.17
N LYS A 39 -12.68 3.81 8.54
CA LYS A 39 -12.68 3.07 7.30
C LYS A 39 -11.84 3.78 6.23
N ASN A 40 -11.74 5.10 6.31
CA ASN A 40 -10.95 5.85 5.33
C ASN A 40 -9.45 5.68 5.59
N LEU A 41 -9.09 5.56 6.86
CA LEU A 41 -7.69 5.35 7.23
C LEU A 41 -7.31 3.96 6.72
N GLU A 42 -8.26 3.03 6.83
CA GLU A 42 -8.07 1.66 6.38
C GLU A 42 -8.04 1.54 4.87
N ASN A 43 -8.96 2.23 4.19
CA ASN A 43 -8.98 2.21 2.73
C ASN A 43 -7.65 2.72 2.16
N LEU A 44 -7.10 3.76 2.79
CA LEU A 44 -5.83 4.34 2.38
C LEU A 44 -4.70 3.34 2.62
N MET A 45 -4.80 2.57 3.70
CA MET A 45 -3.78 1.58 4.00
C MET A 45 -3.67 0.54 2.88
N GLU A 46 -4.80 0.05 2.40
CA GLU A 46 -4.81 -0.93 1.33
C GLU A 46 -4.27 -0.35 0.03
N MET A 47 -4.55 0.93 -0.23
CA MET A 47 -4.05 1.55 -1.45
C MET A 47 -2.53 1.66 -1.42
N LEU A 48 -1.98 2.08 -0.27
CA LEU A 48 -0.53 2.20 -0.14
C LEU A 48 0.11 0.82 -0.35
N MET A 49 -0.42 -0.18 0.34
CA MET A 49 0.10 -1.54 0.23
C MET A 49 -0.07 -2.07 -1.18
N ASN A 50 -1.18 -1.73 -1.81
CA ASN A 50 -1.42 -2.19 -3.18
C ASN A 50 -0.33 -1.66 -4.12
N GLN A 51 0.11 -0.42 -3.90
CA GLN A 51 1.16 0.17 -4.72
C GLN A 51 2.47 -0.52 -4.42
N LEU A 52 2.65 -0.94 -3.17
CA LEU A 52 3.86 -1.61 -2.74
C LEU A 52 4.04 -3.00 -3.37
N VAL A 53 2.95 -3.74 -3.54
CA VAL A 53 3.04 -5.06 -4.18
C VAL A 53 3.30 -4.84 -5.67
N LYS A 54 2.57 -3.88 -6.26
CA LYS A 54 2.74 -3.56 -7.67
C LYS A 54 4.19 -3.21 -7.93
N LEU A 55 4.77 -2.42 -7.04
CA LEU A 55 6.15 -2.03 -7.17
C LEU A 55 7.01 -3.28 -7.20
N ASP A 56 7.07 -3.99 -6.07
CA ASP A 56 7.87 -5.21 -5.94
C ASP A 56 7.77 -6.16 -7.14
N ALA A 57 6.58 -6.28 -7.72
CA ALA A 57 6.36 -7.15 -8.87
C ALA A 57 7.22 -6.71 -10.05
N ILE A 58 7.60 -5.43 -10.05
CA ILE A 58 8.44 -4.87 -11.10
C ILE A 58 9.87 -5.35 -10.91
N SER A 59 10.49 -5.74 -12.02
CA SER A 59 11.86 -6.20 -12.01
C SER A 59 12.68 -5.17 -12.78
N GLY A 60 13.95 -5.04 -12.42
CA GLY A 60 14.79 -4.09 -13.10
C GLY A 60 16.16 -4.05 -12.47
N ASP A 61 17.15 -3.53 -13.20
CA ASP A 61 18.51 -3.41 -12.73
C ASP A 61 19.04 -2.01 -13.06
N GLY A 62 19.91 -1.49 -12.22
CA GLY A 62 20.46 -0.16 -12.44
C GLY A 62 19.52 0.87 -11.88
N ASP A 63 19.58 2.08 -12.43
CA ASP A 63 18.73 3.20 -12.00
C ASP A 63 17.29 2.79 -11.74
N VAL A 64 16.81 1.78 -12.48
CA VAL A 64 15.46 1.27 -12.32
C VAL A 64 15.22 0.72 -10.91
N LYS A 65 16.23 0.13 -10.30
CA LYS A 65 16.07 -0.41 -8.95
C LYS A 65 16.41 0.61 -7.88
N LEU A 66 17.22 1.60 -8.26
CA LEU A 66 17.59 2.68 -7.34
C LEU A 66 16.35 3.53 -7.11
N LYS A 67 15.58 3.73 -8.17
CA LYS A 67 14.35 4.51 -8.13
C LYS A 67 13.27 3.77 -7.34
N LYS A 68 12.96 2.54 -7.77
CA LYS A 68 11.94 1.73 -7.09
C LYS A 68 12.27 1.64 -5.60
N LYS A 69 13.56 1.53 -5.30
CA LYS A 69 14.03 1.47 -3.92
C LYS A 69 13.56 2.63 -3.04
N MET A 70 14.02 3.84 -3.36
CA MET A 70 13.61 5.05 -2.66
C MET A 70 12.09 5.18 -2.64
N GLN A 71 11.44 4.55 -3.61
CA GLN A 71 9.99 4.60 -3.71
C GLN A 71 9.28 3.68 -2.72
N GLU A 72 9.75 2.44 -2.57
CA GLU A 72 9.09 1.56 -1.61
C GLU A 72 9.54 1.96 -0.21
N GLU A 73 10.69 2.63 -0.14
CA GLU A 73 11.24 3.13 1.10
C GLU A 73 10.37 4.30 1.57
N ARG A 74 9.86 5.07 0.60
CA ARG A 74 8.99 6.21 0.85
C ARG A 74 7.63 5.68 1.28
N LEU A 75 7.21 4.58 0.64
CA LEU A 75 5.95 3.93 0.94
C LEU A 75 5.98 3.33 2.34
N HIS A 76 7.14 2.83 2.75
CA HIS A 76 7.28 2.25 4.07
C HIS A 76 7.05 3.35 5.09
N LYS A 77 7.61 4.52 4.79
CA LYS A 77 7.49 5.68 5.66
C LYS A 77 6.03 6.12 5.79
N TYR A 78 5.26 5.99 4.71
CA TYR A 78 3.84 6.39 4.72
C TYR A 78 2.96 5.41 5.49
N VAL A 79 3.24 4.12 5.29
CA VAL A 79 2.48 3.07 5.97
C VAL A 79 2.69 3.18 7.47
N GLU A 80 3.93 3.42 7.87
CA GLU A 80 4.26 3.54 9.29
C GLU A 80 3.65 4.81 9.89
N ALA A 81 3.59 5.89 9.11
CA ALA A 81 2.99 7.13 9.61
C ALA A 81 1.50 6.89 9.80
N LEU A 82 0.90 6.21 8.82
CA LEU A 82 -0.53 5.91 8.87
C LEU A 82 -0.84 5.00 10.06
N ASP A 83 0.09 4.11 10.40
CA ASP A 83 -0.12 3.23 11.57
C ASP A 83 -0.30 4.10 12.81
N LEU A 84 0.48 5.17 12.89
CA LEU A 84 0.39 6.08 14.03
C LEU A 84 -0.85 6.95 13.97
N LEU A 85 -1.34 7.25 12.77
CA LEU A 85 -2.56 8.04 12.65
C LEU A 85 -3.76 7.21 13.11
N LYS A 86 -3.72 5.91 12.83
CA LYS A 86 -4.81 5.01 13.22
C LYS A 86 -4.90 4.95 14.74
N ILE A 87 -3.74 4.86 15.37
CA ILE A 87 -3.66 4.79 16.83
C ILE A 87 -4.17 6.10 17.43
N LYS A 88 -3.66 7.21 16.90
CA LYS A 88 -4.00 8.55 17.36
C LYS A 88 -5.46 8.91 17.12
N ASN A 89 -6.06 8.34 16.07
CA ASN A 89 -7.44 8.63 15.72
C ASN A 89 -8.43 7.76 16.49
N SER A 90 -8.29 6.44 16.37
CA SER A 90 -9.17 5.49 17.04
C SER A 90 -8.55 4.93 18.32
N SER B 4 -6.96 -11.86 -34.86
CA SER B 4 -8.37 -11.66 -34.42
C SER B 4 -8.40 -11.33 -32.92
N SER B 5 -7.53 -11.99 -32.17
CA SER B 5 -7.44 -11.76 -30.73
C SER B 5 -6.83 -10.36 -30.50
N SER B 6 -5.85 -10.00 -31.34
CA SER B 6 -5.20 -8.70 -31.23
C SER B 6 -6.22 -7.63 -31.54
N LYS B 7 -7.07 -7.91 -32.52
CA LYS B 7 -8.14 -7.03 -32.92
C LYS B 7 -9.05 -6.81 -31.70
N ALA B 8 -9.38 -7.90 -31.00
CA ALA B 8 -10.24 -7.80 -29.83
C ALA B 8 -9.60 -6.97 -28.73
N ILE B 9 -8.28 -7.11 -28.56
CA ILE B 9 -7.57 -6.37 -27.53
C ILE B 9 -7.44 -4.88 -27.87
N SER B 10 -7.36 -4.57 -29.15
CA SER B 10 -7.25 -3.18 -29.59
C SER B 10 -8.60 -2.48 -29.35
N ASP B 11 -9.70 -3.19 -29.53
CA ASP B 11 -11.03 -2.63 -29.31
C ASP B 11 -11.24 -2.37 -27.82
N ILE B 12 -10.72 -3.27 -26.98
CA ILE B 12 -10.85 -3.12 -25.55
C ILE B 12 -9.97 -1.96 -25.12
N SER B 13 -8.80 -1.84 -25.76
CA SER B 13 -7.86 -0.78 -25.47
C SER B 13 -8.49 0.59 -25.70
N PHE B 14 -9.28 0.69 -26.76
CA PHE B 14 -9.98 1.94 -27.06
C PHE B 14 -11.03 2.18 -25.96
N GLN B 15 -11.79 1.15 -25.63
CA GLN B 15 -12.80 1.30 -24.58
C GLN B 15 -12.12 1.69 -23.29
N VAL B 16 -10.89 1.23 -23.09
CA VAL B 16 -10.17 1.57 -21.86
C VAL B 16 -9.71 3.02 -21.82
N GLU B 17 -9.17 3.56 -22.92
CA GLU B 17 -8.77 4.96 -22.86
C GLU B 17 -10.00 5.87 -22.75
N ARG B 18 -11.16 5.37 -23.16
CA ARG B 18 -12.37 6.16 -23.03
C ARG B 18 -12.65 6.31 -21.53
N LEU B 19 -12.54 5.20 -20.81
CA LEU B 19 -12.77 5.22 -19.36
C LEU B 19 -11.71 6.03 -18.62
N ALA B 20 -10.49 6.06 -19.16
CA ALA B 20 -9.41 6.83 -18.56
C ALA B 20 -9.71 8.33 -18.71
N GLY B 21 -10.24 8.70 -19.87
CA GLY B 21 -10.59 10.10 -20.08
C GLY B 21 -11.63 10.54 -19.05
N GLN B 22 -12.69 9.75 -18.94
CA GLN B 22 -13.77 10.01 -18.00
C GLN B 22 -13.24 10.08 -16.56
N LEU B 23 -12.29 9.20 -16.21
CA LEU B 23 -11.70 9.20 -14.88
C LEU B 23 -10.98 10.53 -14.69
N SER B 24 -10.23 10.94 -15.70
CA SER B 24 -9.49 12.19 -15.66
C SER B 24 -10.44 13.36 -15.40
N ALA B 25 -11.59 13.33 -16.05
CA ALA B 25 -12.59 14.38 -15.90
C ALA B 25 -13.08 14.48 -14.46
N PHE B 26 -13.42 13.34 -13.86
CA PHE B 26 -13.90 13.33 -12.49
C PHE B 26 -12.79 13.75 -11.53
N ASP B 27 -11.55 13.60 -11.99
CA ASP B 27 -10.40 13.93 -11.17
C ASP B 27 -10.11 15.42 -11.09
N THR B 28 -10.22 16.12 -12.22
CA THR B 28 -9.97 17.55 -12.23
C THR B 28 -11.10 18.26 -11.51
N VAL B 29 -12.28 17.63 -11.47
CA VAL B 29 -13.44 18.21 -10.79
C VAL B 29 -13.25 18.11 -9.28
N ILE B 30 -12.92 16.92 -8.82
CA ILE B 30 -12.71 16.68 -7.40
C ILE B 30 -11.44 17.41 -6.97
N GLY B 31 -10.51 17.57 -7.92
CA GLY B 31 -9.27 18.24 -7.64
C GLY B 31 -9.43 19.75 -7.47
N LYS B 32 -10.49 20.30 -8.04
CA LYS B 32 -10.76 21.73 -7.96
C LYS B 32 -11.66 22.06 -6.77
N GLY B 33 -12.03 21.04 -6.00
CA GLY B 33 -12.89 21.26 -4.85
C GLY B 33 -14.33 20.87 -5.09
N GLY B 34 -14.71 20.79 -6.37
CA GLY B 34 -16.07 20.42 -6.71
C GLY B 34 -16.44 19.03 -6.22
N LYS B 35 -17.64 18.59 -6.58
CA LYS B 35 -18.11 17.27 -6.16
C LYS B 35 -18.76 16.50 -7.32
N VAL B 36 -18.59 15.19 -7.29
CA VAL B 36 -19.16 14.30 -8.30
C VAL B 36 -20.09 13.32 -7.59
N GLU B 37 -21.29 13.13 -8.13
CA GLU B 37 -22.23 12.22 -7.52
C GLU B 37 -21.61 10.83 -7.43
N GLU B 38 -21.52 10.30 -6.21
CA GLU B 38 -20.91 9.00 -5.97
C GLU B 38 -21.29 7.93 -7.00
N LYS B 39 -22.55 7.90 -7.41
CA LYS B 39 -23.02 6.91 -8.36
C LYS B 39 -22.26 6.91 -9.68
N ASN B 40 -21.71 8.05 -10.09
CA ASN B 40 -20.96 8.12 -11.33
C ASN B 40 -19.59 7.48 -11.17
N LEU B 41 -19.07 7.54 -9.95
CA LEU B 41 -17.80 6.94 -9.59
C LEU B 41 -18.01 5.43 -9.52
N GLU B 42 -19.15 5.04 -8.98
CA GLU B 42 -19.50 3.65 -8.85
C GLU B 42 -19.75 3.03 -10.23
N ASN B 43 -20.36 3.79 -11.14
CA ASN B 43 -20.62 3.28 -12.49
C ASN B 43 -19.32 3.13 -13.26
N LEU B 44 -18.40 4.08 -13.09
CA LEU B 44 -17.12 4.02 -13.78
C LEU B 44 -16.33 2.79 -13.31
N MET B 45 -16.36 2.51 -12.01
CA MET B 45 -15.67 1.34 -11.48
C MET B 45 -16.23 0.08 -12.12
N GLU B 46 -17.55 0.02 -12.25
CA GLU B 46 -18.18 -1.14 -12.86
C GLU B 46 -17.73 -1.27 -14.31
N MET B 47 -17.64 -0.15 -15.01
CA MET B 47 -17.19 -0.16 -16.40
C MET B 47 -15.77 -0.68 -16.48
N LEU B 48 -14.91 -0.27 -15.55
CA LEU B 48 -13.52 -0.73 -15.53
C LEU B 48 -13.50 -2.23 -15.30
N MET B 49 -14.32 -2.68 -14.34
CA MET B 49 -14.41 -4.10 -14.00
C MET B 49 -14.85 -4.92 -15.22
N ASN B 50 -15.81 -4.39 -15.98
CA ASN B 50 -16.31 -5.06 -17.18
C ASN B 50 -15.23 -5.24 -18.25
N GLN B 51 -14.26 -4.34 -18.33
CA GLN B 51 -13.22 -4.50 -19.34
C GLN B 51 -12.25 -5.57 -18.90
N LEU B 52 -12.04 -5.68 -17.59
CA LEU B 52 -11.16 -6.71 -17.06
C LEU B 52 -11.75 -8.08 -17.40
N VAL B 53 -13.07 -8.19 -17.31
CA VAL B 53 -13.81 -9.42 -17.60
C VAL B 53 -13.70 -9.82 -19.07
N LYS B 54 -13.78 -8.83 -19.97
CA LYS B 54 -13.66 -9.12 -21.38
C LYS B 54 -12.24 -9.59 -21.75
N LEU B 55 -11.26 -9.11 -21.00
CA LEU B 55 -9.86 -9.50 -21.22
C LEU B 55 -9.68 -10.97 -20.86
N ASP B 56 -10.44 -11.42 -19.87
CA ASP B 56 -10.41 -12.81 -19.40
C ASP B 56 -10.77 -13.75 -20.53
N ALA B 57 -11.71 -13.35 -21.37
CA ALA B 57 -12.17 -14.19 -22.47
C ALA B 57 -11.16 -14.29 -23.62
N ILE B 58 -10.11 -13.47 -23.56
CA ILE B 58 -9.11 -13.48 -24.62
C ILE B 58 -7.85 -14.22 -24.21
N SER B 59 -7.29 -14.96 -25.16
CA SER B 59 -6.05 -15.68 -24.93
C SER B 59 -5.41 -16.01 -26.26
N GLY B 60 -4.23 -16.61 -26.20
CA GLY B 60 -3.50 -16.94 -27.41
C GLY B 60 -2.05 -17.19 -27.06
N ASP B 61 -1.14 -16.99 -28.00
CA ASP B 61 0.27 -17.21 -27.76
C ASP B 61 0.95 -16.04 -27.05
N GLY B 62 2.27 -16.12 -26.91
CA GLY B 62 3.02 -15.13 -26.18
C GLY B 62 2.74 -13.67 -26.49
N ASP B 63 2.77 -13.29 -27.76
CA ASP B 63 2.53 -11.90 -28.14
C ASP B 63 1.15 -11.43 -27.67
N VAL B 64 0.14 -12.28 -27.87
CA VAL B 64 -1.22 -11.96 -27.45
C VAL B 64 -1.34 -11.80 -25.94
N LYS B 65 -0.71 -12.69 -25.18
CA LYS B 65 -0.78 -12.60 -23.72
C LYS B 65 -0.05 -11.37 -23.18
N LEU B 66 0.99 -10.92 -23.86
CA LEU B 66 1.73 -9.74 -23.41
C LEU B 66 0.88 -8.50 -23.70
N LYS B 67 0.25 -8.47 -24.87
CA LYS B 67 -0.61 -7.36 -25.26
C LYS B 67 -1.78 -7.16 -24.30
N LYS B 68 -2.37 -8.27 -23.86
CA LYS B 68 -3.50 -8.17 -22.94
C LYS B 68 -3.01 -7.81 -21.55
N LYS B 69 -1.78 -8.20 -21.22
CA LYS B 69 -1.20 -7.89 -19.92
C LYS B 69 -1.02 -6.37 -19.79
N MET B 70 -0.72 -5.74 -20.91
CA MET B 70 -0.54 -4.30 -20.92
C MET B 70 -1.84 -3.59 -20.61
N GLN B 71 -2.95 -4.14 -21.11
CA GLN B 71 -4.26 -3.55 -20.87
C GLN B 71 -4.72 -3.77 -19.44
N GLU B 72 -4.47 -4.96 -18.88
CA GLU B 72 -4.88 -5.26 -17.52
C GLU B 72 -4.10 -4.40 -16.53
N GLU B 73 -2.82 -4.14 -16.84
CA GLU B 73 -1.99 -3.30 -15.99
C GLU B 73 -2.62 -1.90 -15.98
N ARG B 74 -3.01 -1.45 -17.17
CA ARG B 74 -3.63 -0.15 -17.33
C ARG B 74 -4.94 -0.05 -16.55
N LEU B 75 -5.80 -1.06 -16.69
CA LEU B 75 -7.07 -1.09 -15.97
C LEU B 75 -6.86 -1.11 -14.47
N HIS B 76 -5.86 -1.86 -14.00
CA HIS B 76 -5.60 -1.92 -12.58
C HIS B 76 -5.08 -0.61 -12.02
N LYS B 77 -4.45 0.19 -12.86
CA LYS B 77 -3.93 1.50 -12.46
C LYS B 77 -5.11 2.45 -12.26
N TYR B 78 -6.08 2.40 -13.18
CA TYR B 78 -7.25 3.26 -13.07
C TYR B 78 -8.12 2.85 -11.87
N VAL B 79 -8.24 1.55 -11.67
CA VAL B 79 -9.02 1.03 -10.54
C VAL B 79 -8.49 1.61 -9.24
N GLU B 80 -7.17 1.61 -9.08
CA GLU B 80 -6.53 2.15 -7.88
C GLU B 80 -6.69 3.68 -7.80
N ALA B 81 -6.53 4.36 -8.92
CA ALA B 81 -6.66 5.81 -8.94
C ALA B 81 -8.11 6.18 -8.60
N LEU B 82 -9.05 5.39 -9.11
CA LEU B 82 -10.46 5.63 -8.84
C LEU B 82 -10.77 5.38 -7.37
N ASP B 83 -10.13 4.38 -6.76
CA ASP B 83 -10.36 4.10 -5.36
C ASP B 83 -10.04 5.31 -4.52
N LEU B 84 -8.89 5.94 -4.79
CA LEU B 84 -8.49 7.13 -4.05
C LEU B 84 -9.50 8.26 -4.23
N LEU B 85 -9.97 8.45 -5.45
CA LEU B 85 -10.95 9.50 -5.72
C LEU B 85 -12.20 9.32 -4.87
N LYS B 86 -12.61 8.07 -4.68
CA LYS B 86 -13.79 7.77 -3.87
C LYS B 86 -13.58 8.31 -2.46
N ILE B 87 -12.34 8.26 -1.99
CA ILE B 87 -12.00 8.78 -0.67
C ILE B 87 -12.06 10.30 -0.69
N LYS B 88 -11.41 10.91 -1.68
CA LYS B 88 -11.39 12.36 -1.80
C LYS B 88 -12.81 12.91 -1.91
N ASN B 89 -13.68 12.16 -2.58
CA ASN B 89 -15.05 12.57 -2.75
C ASN B 89 -15.82 12.58 -1.43
N SER C 4 14.76 -15.29 -3.29
CA SER C 4 13.39 -15.66 -2.79
C SER C 4 13.34 -15.57 -1.27
N SER C 5 14.48 -15.81 -0.63
CA SER C 5 14.57 -15.74 0.82
C SER C 5 14.81 -14.30 1.26
N SER C 6 15.83 -13.68 0.67
CA SER C 6 16.18 -12.30 0.98
C SER C 6 14.94 -11.42 0.89
N LYS C 7 14.07 -11.77 -0.05
CA LYS C 7 12.81 -11.05 -0.26
C LYS C 7 11.91 -11.26 0.94
N ALA C 8 11.76 -12.53 1.33
CA ALA C 8 10.92 -12.89 2.45
C ALA C 8 11.40 -12.26 3.76
N ILE C 9 12.72 -12.11 3.88
CA ILE C 9 13.31 -11.53 5.08
C ILE C 9 13.15 -10.02 5.11
N SER C 10 13.03 -9.41 3.93
CA SER C 10 12.85 -7.97 3.82
C SER C 10 11.42 -7.59 4.12
N ASP C 11 10.48 -8.46 3.75
CA ASP C 11 9.08 -8.19 3.99
C ASP C 11 8.80 -8.32 5.49
N ILE C 12 9.60 -9.16 6.14
CA ILE C 12 9.47 -9.36 7.58
C ILE C 12 10.13 -8.16 8.29
N SER C 13 11.25 -7.69 7.76
CA SER C 13 11.96 -6.56 8.34
C SER C 13 11.10 -5.29 8.28
N PHE C 14 10.18 -5.24 7.31
CA PHE C 14 9.28 -4.11 7.17
C PHE C 14 8.20 -4.14 8.24
N GLN C 15 7.62 -5.32 8.47
CA GLN C 15 6.58 -5.47 9.48
C GLN C 15 7.15 -5.22 10.89
N VAL C 16 8.37 -5.67 11.09
CA VAL C 16 9.07 -5.49 12.37
C VAL C 16 9.26 -4.01 12.65
N GLU C 17 9.67 -3.28 11.62
CA GLU C 17 9.89 -1.84 11.70
C GLU C 17 8.56 -1.15 12.01
N ARG C 18 7.48 -1.68 11.43
CA ARG C 18 6.14 -1.12 11.68
C ARG C 18 5.75 -1.32 13.14
N LEU C 19 5.89 -2.55 13.63
CA LEU C 19 5.52 -2.85 15.02
C LEU C 19 6.36 -2.02 15.97
N ALA C 20 7.62 -1.76 15.58
CA ALA C 20 8.52 -0.95 16.39
C ALA C 20 7.99 0.47 16.52
N GLY C 21 7.42 0.99 15.44
CA GLY C 21 6.87 2.33 15.45
C GLY C 21 5.67 2.44 16.37
N GLN C 22 4.81 1.43 16.34
CA GLN C 22 3.62 1.41 17.18
C GLN C 22 4.00 1.21 18.64
N LEU C 23 5.00 0.37 18.89
CA LEU C 23 5.46 0.13 20.25
C LEU C 23 5.95 1.47 20.81
N SER C 24 6.60 2.25 19.97
CA SER C 24 7.12 3.56 20.34
C SER C 24 6.01 4.57 20.59
N ALA C 25 4.87 4.41 19.91
CA ALA C 25 3.74 5.33 20.11
C ALA C 25 3.09 5.06 21.47
N PHE C 26 3.01 3.79 21.86
CA PHE C 26 2.43 3.43 23.15
C PHE C 26 3.41 3.78 24.26
N ASP C 27 4.69 3.74 23.93
CA ASP C 27 5.73 4.07 24.90
C ASP C 27 5.67 5.53 25.34
N THR C 28 5.34 6.43 24.41
CA THR C 28 5.26 7.83 24.74
C THR C 28 4.01 8.11 25.57
N VAL C 29 2.93 7.42 25.26
CA VAL C 29 1.69 7.60 26.01
C VAL C 29 1.86 7.12 27.44
N ILE C 30 2.38 5.91 27.60
CA ILE C 30 2.59 5.32 28.93
C ILE C 30 3.66 6.03 29.73
N GLY C 31 4.68 6.54 29.04
CA GLY C 31 5.76 7.24 29.72
C GLY C 31 5.31 8.56 30.33
N LYS C 32 4.18 9.07 29.85
CA LYS C 32 3.62 10.32 30.36
C LYS C 32 2.54 10.00 31.39
N GLY C 33 2.44 8.73 31.77
CA GLY C 33 1.45 8.32 32.74
C GLY C 33 0.07 8.19 32.15
N GLY C 34 -0.01 8.12 30.82
CA GLY C 34 -1.29 7.98 30.14
C GLY C 34 -1.64 6.50 30.04
N LYS C 35 -2.94 6.20 30.13
CA LYS C 35 -3.39 4.82 30.07
C LYS C 35 -3.57 4.35 28.64
N VAL C 36 -3.23 3.09 28.40
CA VAL C 36 -3.37 2.48 27.09
C VAL C 36 -4.21 1.23 27.26
N GLU C 37 -5.15 1.03 26.35
CA GLU C 37 -6.01 -0.14 26.40
C GLU C 37 -5.12 -1.38 26.42
N GLU C 38 -5.28 -2.20 27.45
CA GLU C 38 -4.48 -3.41 27.60
C GLU C 38 -4.57 -4.26 26.34
N LYS C 39 -5.75 -4.29 25.74
CA LYS C 39 -5.98 -5.05 24.53
C LYS C 39 -5.02 -4.65 23.40
N ASN C 40 -4.68 -3.37 23.31
CA ASN C 40 -3.77 -2.90 22.26
C ASN C 40 -2.37 -3.45 22.51
N LEU C 41 -2.00 -3.60 23.77
CA LEU C 41 -0.69 -4.13 24.12
C LEU C 41 -0.62 -5.61 23.79
N GLU C 42 -1.65 -6.36 24.16
CA GLU C 42 -1.72 -7.79 23.89
C GLU C 42 -1.68 -8.04 22.40
N ASN C 43 -2.39 -7.21 21.64
CA ASN C 43 -2.42 -7.34 20.19
C ASN C 43 -1.05 -7.11 19.60
N LEU C 44 -0.31 -6.17 20.15
CA LEU C 44 1.03 -5.87 19.66
C LEU C 44 1.94 -7.06 19.94
N MET C 45 1.76 -7.69 21.10
CA MET C 45 2.57 -8.86 21.46
C MET C 45 2.31 -10.00 20.50
N GLU C 46 1.03 -10.22 20.16
CA GLU C 46 0.64 -11.29 19.24
C GLU C 46 1.28 -11.05 17.87
N MET C 47 1.26 -9.81 17.41
CA MET C 47 1.85 -9.47 16.10
C MET C 47 3.34 -9.73 16.10
N LEU C 48 4.00 -9.42 17.20
CA LEU C 48 5.44 -9.64 17.31
C LEU C 48 5.72 -11.14 17.24
N MET C 49 4.97 -11.90 18.02
CA MET C 49 5.11 -13.35 18.06
C MET C 49 4.84 -13.98 16.70
N ASN C 50 3.92 -13.38 15.95
CA ASN C 50 3.59 -13.90 14.62
C ASN C 50 4.77 -13.72 13.67
N GLN C 51 5.46 -12.58 13.75
CA GLN C 51 6.61 -12.34 12.89
C GLN C 51 7.76 -13.29 13.24
N LEU C 52 7.89 -13.60 14.53
CA LEU C 52 8.93 -14.49 15.02
C LEU C 52 8.75 -15.89 14.44
N VAL C 53 7.51 -16.38 14.41
CA VAL C 53 7.24 -17.70 13.88
C VAL C 53 7.47 -17.75 12.37
N LYS C 54 7.08 -16.69 11.66
CA LYS C 54 7.29 -16.63 10.21
C LYS C 54 8.78 -16.54 9.89
N LEU C 55 9.54 -15.87 10.76
CA LEU C 55 10.97 -15.70 10.57
C LEU C 55 11.73 -17.01 10.74
N ASP C 56 11.26 -17.88 11.62
CA ASP C 56 11.94 -19.13 11.85
C ASP C 56 11.69 -20.10 10.70
N ALA C 57 10.64 -19.84 9.93
CA ALA C 57 10.29 -20.69 8.80
C ALA C 57 11.08 -20.39 7.52
N ILE C 58 12.15 -19.62 7.63
CA ILE C 58 12.96 -19.29 6.46
C ILE C 58 14.21 -20.17 6.38
N SER C 59 14.46 -20.72 5.19
CA SER C 59 15.61 -21.59 4.95
C SER C 59 16.91 -20.97 5.46
N GLY C 62 22.43 -19.30 2.76
CA GLY C 62 23.81 -19.14 3.20
C GLY C 62 23.92 -18.14 4.32
N ASP C 63 24.24 -16.89 3.99
CA ASP C 63 24.36 -15.84 4.99
C ASP C 63 22.95 -15.31 5.21
N VAL C 64 21.98 -16.13 4.82
CA VAL C 64 20.58 -15.80 4.96
C VAL C 64 20.26 -15.77 6.45
N LYS C 65 20.82 -16.73 7.18
CA LYS C 65 20.61 -16.84 8.60
C LYS C 65 21.24 -15.68 9.36
N LEU C 66 22.21 -15.02 8.73
CA LEU C 66 22.87 -13.89 9.37
C LEU C 66 21.91 -12.71 9.41
N LYS C 67 21.03 -12.63 8.42
CA LYS C 67 20.04 -11.56 8.34
C LYS C 67 18.91 -11.85 9.32
N LYS C 68 18.34 -13.05 9.21
CA LYS C 68 17.23 -13.43 10.07
C LYS C 68 17.62 -13.32 11.53
N LYS C 69 18.90 -13.51 11.82
CA LYS C 69 19.38 -13.42 13.20
C LYS C 69 19.32 -11.96 13.68
N MET C 70 19.69 -11.03 12.81
CA MET C 70 19.65 -9.63 13.20
C MET C 70 18.21 -9.22 13.46
N GLN C 71 17.29 -9.83 12.72
CA GLN C 71 15.88 -9.54 12.84
C GLN C 71 15.23 -10.20 14.05
N GLU C 72 15.66 -11.41 14.42
CA GLU C 72 15.07 -12.05 15.58
C GLU C 72 15.53 -11.30 16.82
N GLU C 73 16.72 -10.70 16.74
CA GLU C 73 17.26 -9.93 17.86
C GLU C 73 16.41 -8.69 18.09
N ARG C 74 15.92 -8.09 17.01
CA ARG C 74 15.07 -6.91 17.10
C ARG C 74 13.72 -7.30 17.70
N LEU C 75 13.17 -8.42 17.23
CA LEU C 75 11.89 -8.90 17.72
C LEU C 75 11.97 -9.20 19.22
N HIS C 76 13.04 -9.87 19.64
CA HIS C 76 13.24 -10.20 21.04
C HIS C 76 13.24 -8.92 21.85
N LYS C 77 13.98 -7.94 21.36
CA LYS C 77 14.10 -6.65 22.03
C LYS C 77 12.76 -5.93 22.17
N TYR C 78 11.92 -6.01 21.15
CA TYR C 78 10.63 -5.35 21.22
C TYR C 78 9.69 -6.08 22.16
N VAL C 79 9.71 -7.41 22.10
CA VAL C 79 8.86 -8.20 22.99
C VAL C 79 9.17 -7.79 24.42
N GLU C 80 10.46 -7.77 24.76
CA GLU C 80 10.91 -7.40 26.10
C GLU C 80 10.60 -5.94 26.47
N ALA C 81 10.61 -5.04 25.50
CA ALA C 81 10.29 -3.65 25.77
C ALA C 81 8.79 -3.57 26.04
N LEU C 82 8.01 -4.39 25.34
CA LEU C 82 6.56 -4.41 25.51
C LEU C 82 6.18 -4.96 26.89
N ASP C 83 6.92 -5.95 27.38
CA ASP C 83 6.66 -6.52 28.71
C ASP C 83 6.73 -5.43 29.75
N LEU C 84 7.74 -4.57 29.61
CA LEU C 84 7.93 -3.46 30.53
C LEU C 84 6.82 -2.45 30.42
N LEU C 85 6.31 -2.23 29.21
CA LEU C 85 5.20 -1.30 29.03
C LEU C 85 3.97 -1.89 29.71
N LYS C 86 3.81 -3.21 29.60
CA LYS C 86 2.68 -3.89 30.23
C LYS C 86 2.73 -3.70 31.73
N ILE C 87 3.93 -3.79 32.31
CA ILE C 87 4.07 -3.60 33.75
C ILE C 87 3.69 -2.17 34.12
N LYS C 88 4.23 -1.20 33.40
CA LYS C 88 3.93 0.21 33.67
C LYS C 88 2.46 0.57 33.44
N ASN C 89 1.83 -0.08 32.48
CA ASN C 89 0.45 0.20 32.13
C ASN C 89 -0.60 -0.39 33.07
N SER C 90 -0.24 -1.41 33.84
CA SER C 90 -1.19 -2.02 34.76
C SER C 90 -0.50 -2.50 36.03
#